data_4P5J
#
_entry.id   4P5J
#
_cell.length_a   55.270
_cell.length_b   101.570
_cell.length_c   111.610
_cell.angle_alpha   90.00
_cell.angle_beta   90.00
_cell.angle_gamma   90.00
#
_symmetry.space_group_name_H-M   'I 2 2 2'
#
loop_
_entity.id
_entity.type
_entity.pdbx_description
1 polymer 'Turnip yellow mosaic virus mRNA for the coat protein'
2 non-polymer 'MAGNESIUM ION'
3 non-polymer 'IRIDIUM HEXAMMINE ION'
4 non-polymer SPERMINE
5 water water
#
_entity_poly.entity_id   1
_entity_poly.type   'polyribonucleotide'
_entity_poly.pdbx_seq_one_letter_code
;UUAGCUCGCCAGUUAGCGAGGUCUGUCUCGACACGACAGAUAAUCGGGUGCAACUCCCGCCCCUCUUCCGAGGGUCAUCG
GAACC(A23)
;
_entity_poly.pdbx_strand_id   A
#
loop_
_chem_comp.id
_chem_comp.type
_chem_comp.name
_chem_comp.formula
A RNA linking ADENOSINE-5'-MONOPHOSPHATE 'C10 H14 N5 O7 P'
A23 RNA linking 'ADENOSINE-5'-PHOSPHATE-2',3'-CYCLIC PHOSPHATE' 'C10 H13 N5 O9 P2'
C RNA linking CYTIDINE-5'-MONOPHOSPHATE 'C9 H14 N3 O8 P'
G RNA linking GUANOSINE-5'-MONOPHOSPHATE 'C10 H14 N5 O8 P'
IRI non-polymer 'IRIDIUM HEXAMMINE ION' 'H18 Ir N6 3'
MG non-polymer 'MAGNESIUM ION' 'Mg 2'
SPM non-polymer SPERMINE 'C10 H26 N4'
U RNA linking URIDINE-5'-MONOPHOSPHATE 'C9 H13 N2 O9 P'
#
# COMPACT_ATOMS: atom_id res chain seq x y z
PC A23 A 86 -5.61 18.75 4.27
O1C A23 A 86 -4.44 17.99 4.83
O2C A23 A 86 -5.85 18.50 2.61
P A23 A 86 -10.37 23.95 5.84
OP1 A23 A 86 -11.41 23.13 6.45
OP2 A23 A 86 -10.98 24.45 4.43
O5' A23 A 86 -9.03 23.19 5.40
C5' A23 A 86 -8.58 22.05 6.09
C4' A23 A 86 -7.09 21.85 5.89
O4' A23 A 86 -6.65 21.29 7.17
C3' A23 A 86 -6.88 20.71 4.87
O3' A23 A 86 -5.48 20.35 4.60
C2' A23 A 86 -7.46 19.61 5.74
O2' A23 A 86 -7.02 18.36 5.07
C1' A23 A 86 -6.92 19.88 7.20
N9 A23 A 86 -7.99 19.36 8.19
C8 A23 A 86 -9.19 19.88 8.37
N7 A23 A 86 -9.91 19.14 9.24
C5 A23 A 86 -9.13 18.13 9.60
C6 A23 A 86 -9.34 17.13 10.45
N6 A23 A 86 -10.51 17.08 11.06
N1 A23 A 86 -8.40 16.22 10.71
C2 A23 A 86 -7.19 16.32 10.05
N3 A23 A 86 -7.01 17.37 9.18
C4 A23 A 86 -7.97 18.25 8.96
MG MG B . -6.81 9.92 5.08
MG MG C . 8.76 -9.72 -4.60
IR IRI D . -7.82 -17.46 0.48
N1 IRI D . -8.63 -15.60 1.40
N2 IRI D . -9.28 -17.13 -1.18
N3 IRI D . -7.07 -19.35 -0.45
N4 IRI D . -6.31 -17.68 2.14
N5 IRI D . -9.34 -18.60 1.65
N6 IRI D . -6.29 -16.33 -0.70
IR IRI E . 35.70 -3.71 -16.46
N1 IRI E . 36.59 -5.02 -14.86
N2 IRI E . 35.67 -2.00 -14.99
N3 IRI E . 34.81 -2.36 -18.02
N4 IRI E . 35.73 -5.41 -17.93
N5 IRI E . 33.64 -4.32 -15.82
N6 IRI E . 37.76 -3.11 -17.13
IR IRI F . -8.58 -6.41 -0.35
N1 IRI F . -9.17 -5.17 1.43
N2 IRI F . -10.43 -5.74 -1.45
N3 IRI F . -7.95 -7.65 -2.09
N4 IRI F . -6.73 -7.04 0.73
N5 IRI F . -9.73 -8.13 0.55
N6 IRI F . -7.43 -4.66 -1.19
IR IRI G . -1.75 15.53 2.74
N1 IRI G . -1.61 17.08 4.36
N2 IRI G . -3.32 16.77 1.72
N3 IRI G . -1.93 14.01 1.09
N4 IRI G . -0.17 14.29 3.74
N5 IRI G . -3.32 14.43 3.91
N6 IRI G . -0.16 16.60 1.57
IR IRI H . -10.39 2.35 13.55
N1 IRI H . -10.69 1.04 15.35
N2 IRI H . -11.36 4.00 14.73
N3 IRI H . -10.10 3.74 11.79
N4 IRI H . -9.62 0.67 12.30
N5 IRI H . -12.40 1.72 12.72
N6 IRI H . -8.37 2.93 14.33
IR IRI I . -14.84 -25.81 -0.54
N1 IRI I . -15.80 -25.48 1.47
N2 IRI I . -12.90 -24.99 0.27
N3 IRI I . -13.85 -26.10 -2.54
N4 IRI I . -16.77 -26.60 -1.38
N5 IRI I . -15.47 -23.71 -1.11
N6 IRI I . -14.19 -27.90 0.00
IR IRI J . 12.84 -9.53 -15.26
N1 IRI J . 12.68 -7.57 -14.15
N2 IRI J . 12.83 -8.36 -17.19
N3 IRI J . 12.97 -11.49 -16.34
N4 IRI J . 12.83 -10.65 -13.30
N5 IRI J . 10.59 -9.59 -15.34
N6 IRI J . 15.08 -9.39 -15.18
IR IRI K . 3.04 0.87 11.77
N1 IRI K . 1.40 1.10 13.28
N2 IRI K . 2.38 2.74 10.73
N3 IRI K . 4.71 0.65 10.28
N4 IRI K . 3.70 -1.03 12.80
N5 IRI K . 1.68 -0.35 10.45
N6 IRI K . 4.41 2.07 13.11
IR IRI L . -7.87 -11.26 11.43
N1 IRI L . -7.69 -9.06 11.01
N2 IRI L . -8.19 -11.62 9.25
N3 IRI L . -8.03 -13.47 11.83
N4 IRI L . -7.48 -10.91 13.62
N5 IRI L . -10.07 -11.04 11.79
N6 IRI L . -5.66 -11.52 11.09
IR IRI M . 31.96 -1.90 -5.56
N1 IRI M . 32.45 -1.78 -3.37
N2 IRI M . 30.78 0.01 -5.40
N3 IRI M . 31.45 -2.02 -7.76
N4 IRI M . 33.14 -3.80 -5.73
N5 IRI M . 30.11 -3.08 -5.06
N6 IRI M . 33.81 -0.70 -6.04
IR IRI N . 1.71 -29.25 -4.95
N1 IRI N . 0.32 -29.71 -3.24
N2 IRI N . 0.04 -28.06 -5.91
N3 IRI N . 3.06 -28.81 -6.68
N4 IRI N . 3.34 -30.45 -3.99
N5 IRI N . 0.98 -31.10 -6.00
N6 IRI N . 2.41 -27.37 -3.92
IR IRI O . 10.93 -14.94 -6.75
N1 IRI O . 11.69 -15.07 -4.64
N2 IRI O . 9.33 -13.51 -6.06
N3 IRI O . 10.30 -14.76 -8.88
N4 IRI O . 12.48 -16.43 -7.38
N5 IRI O . 9.54 -16.67 -6.35
N6 IRI O . 12.32 -13.24 -7.19
N1 SPM P . -6.18 21.08 -6.39
C2 SPM P . -6.94 20.60 -5.26
C3 SPM P . -7.67 19.31 -5.64
C4 SPM P . -6.69 18.16 -5.82
N5 SPM P . -7.02 17.32 -6.98
C6 SPM P . -6.61 15.92 -7.02
C7 SPM P . -6.02 15.52 -8.36
C8 SPM P . -6.57 14.16 -8.78
C9 SPM P . -8.04 14.30 -9.17
N10 SPM P . -8.90 13.46 -8.36
C11 SPM P . -10.18 13.01 -8.90
C12 SPM P . -10.90 11.95 -8.06
C13 SPM P . -12.23 11.57 -8.70
N14 SPM P . -12.01 10.86 -9.94
#